data_3WG4
#
_entry.id   3WG4
#
_cell.length_a   102.824
_cell.length_b   102.824
_cell.length_c   74.578
_cell.angle_alpha   90.00
_cell.angle_beta   90.00
_cell.angle_gamma   120.00
#
_symmetry.space_group_name_H-M   'P 65'
#
loop_
_entity.id
_entity.type
_entity.pdbx_description
1 polymer 'Galactoside-binding lectin'
2 branched alpha-L-fucopyranose-(1-2)-[2-acetamido-2-deoxy-alpha-D-galactopyranose-(1-3)]beta-D-galactopyranose-(1-4)-2-acetamido-2-deoxy-beta-D-glucopyranose
3 non-polymer DI(HYDROXYETHYL)ETHER
4 water water
#
_entity_poly.entity_id   1
_entity_poly.type   'polypeptide(L)'
_entity_poly.pdbx_seq_one_letter_code
;MDYKDDDDKHMTTSAVNIYNISAGASVDLAAPVTTGDIVTFFSSALNLSAGAGSPANTALNLLSENGAYLLHIAFRLQEN
VIVFNSRQPNAPWLVEQRVSNVANQFIGSGGKAMVTVFDHGDKYQVVINEKTVIQYTKQISGTTSSLSYNSTEGTSIFST
VVEAVTYTGLAKLAAALE
;
_entity_poly.pdbx_strand_id   A,B
#
loop_
_chem_comp.id
_chem_comp.type
_chem_comp.name
_chem_comp.formula
A2G D-saccharide, alpha linking 2-acetamido-2-deoxy-alpha-D-galactopyranose 'C8 H15 N O6'
FUC L-saccharide, alpha linking alpha-L-fucopyranose 'C6 H12 O5'
GAL D-saccharide, beta linking beta-D-galactopyranose 'C6 H12 O6'
NAG D-saccharide, beta linking 2-acetamido-2-deoxy-beta-D-glucopyranose 'C8 H15 N O6'
PEG non-polymer DI(HYDROXYETHYL)ETHER 'C4 H10 O3'
#
# COMPACT_ATOMS: atom_id res chain seq x y z
N LYS A 9 15.97 16.19 9.78
CA LYS A 9 16.63 17.50 9.53
C LYS A 9 16.47 17.91 8.06
N HIS A 10 17.24 17.26 7.19
CA HIS A 10 17.09 17.43 5.75
C HIS A 10 16.52 16.20 5.09
N MET A 11 16.64 15.06 5.76
CA MET A 11 16.11 13.81 5.19
C MET A 11 14.58 13.78 5.17
N THR A 12 14.02 13.03 4.24
CA THR A 12 12.57 12.83 4.17
C THR A 12 12.16 11.75 5.16
N THR A 13 11.16 12.06 5.98
CA THR A 13 10.55 11.08 6.87
C THR A 13 9.11 10.86 6.41
N SER A 14 8.83 9.68 5.90
CA SER A 14 7.49 9.32 5.51
C SER A 14 6.88 8.47 6.63
N ALA A 15 5.60 8.12 6.49
CA ALA A 15 4.92 7.35 7.54
C ALA A 15 3.97 6.33 6.93
N VAL A 16 3.87 5.19 7.60
CA VAL A 16 2.86 4.18 7.29
C VAL A 16 1.91 4.11 8.48
N ASN A 17 0.61 4.24 8.21
CA ASN A 17 -0.40 3.99 9.22
C ASN A 17 -1.36 2.93 8.74
N ILE A 18 -1.81 2.08 9.66
CA ILE A 18 -2.66 0.92 9.35
C ILE A 18 -3.96 1.01 10.17
N TYR A 19 -5.09 0.86 9.49
CA TYR A 19 -6.41 0.99 10.13
C TYR A 19 -7.28 -0.18 9.77
N ASN A 20 -8.00 -0.70 10.75
CA ASN A 20 -8.95 -1.77 10.49
C ASN A 20 -10.33 -1.15 10.54
N ILE A 21 -11.00 -1.13 9.39
CA ILE A 21 -12.29 -0.43 9.28
C ILE A 21 -13.40 -1.46 9.05
N SER A 22 -14.28 -1.60 10.04
CA SER A 22 -15.42 -2.50 9.87
C SER A 22 -16.48 -1.86 8.97
N ALA A 23 -17.29 -2.69 8.32
CA ALA A 23 -18.43 -2.17 7.55
C ALA A 23 -19.32 -1.34 8.47
N GLY A 24 -19.62 -0.11 8.05
CA GLY A 24 -20.42 0.82 8.86
C GLY A 24 -19.64 1.55 9.94
N ALA A 25 -18.33 1.67 9.74
CA ALA A 25 -17.44 2.33 10.69
C ALA A 25 -16.55 3.36 10.00
N SER A 26 -15.96 4.24 10.81
CA SER A 26 -15.07 5.31 10.35
C SER A 26 -13.78 5.27 11.18
N VAL A 27 -12.70 5.81 10.63
CA VAL A 27 -11.48 6.01 11.41
C VAL A 27 -10.95 7.43 11.19
N ASP A 28 -10.48 8.06 12.25
CA ASP A 28 -9.74 9.32 12.14
C ASP A 28 -8.28 8.99 11.86
N LEU A 29 -7.70 9.70 10.90
CA LEU A 29 -6.30 9.46 10.54
C LEU A 29 -5.31 10.10 11.53
N ALA A 30 -4.32 9.33 11.96
CA ALA A 30 -3.25 9.82 12.84
C ALA A 30 -2.34 10.79 12.09
N ALA A 31 -2.23 10.56 10.78
CA ALA A 31 -1.46 11.42 9.88
C ALA A 31 -2.36 11.73 8.69
N PRO A 32 -2.67 13.02 8.47
CA PRO A 32 -3.61 13.33 7.40
C PRO A 32 -3.04 13.00 6.02
N VAL A 33 -3.92 12.71 5.07
CA VAL A 33 -3.53 12.46 3.69
C VAL A 33 -3.68 13.77 2.90
N THR A 34 -2.58 14.17 2.26
CA THR A 34 -2.57 15.39 1.47
C THR A 34 -1.94 15.10 0.11
N THR A 35 -1.69 16.17 -0.65
CA THR A 35 -1.12 16.04 -1.98
C THR A 35 0.19 15.27 -1.96
N GLY A 36 0.26 14.23 -2.79
CA GLY A 36 1.44 13.37 -2.88
C GLY A 36 1.28 12.07 -2.10
N ASP A 37 0.24 11.98 -1.27
CA ASP A 37 0.04 10.82 -0.39
C ASP A 37 -0.86 9.76 -1.02
N ILE A 38 -0.94 8.61 -0.36
CA ILE A 38 -1.65 7.45 -0.90
C ILE A 38 -2.45 6.78 0.19
N VAL A 39 -3.66 6.32 -0.15
CA VAL A 39 -4.36 5.40 0.73
CA VAL A 39 -4.47 5.45 0.71
C VAL A 39 -4.79 4.18 -0.08
N THR A 40 -4.53 3.00 0.49
CA THR A 40 -5.03 1.76 -0.13
C THR A 40 -5.95 1.04 0.83
N PHE A 41 -7.12 0.67 0.33
CA PHE A 41 -8.07 -0.16 1.08
C PHE A 41 -7.87 -1.60 0.62
N PHE A 42 -7.58 -2.50 1.57
CA PHE A 42 -7.40 -3.92 1.26
C PHE A 42 -8.59 -4.72 1.77
N SER A 43 -9.25 -5.42 0.86
CA SER A 43 -10.34 -6.33 1.20
C SER A 43 -9.86 -7.78 1.09
N SER A 44 -10.19 -8.60 2.08
CA SER A 44 -9.81 -10.02 2.04
C SER A 44 -10.90 -10.87 1.42
N ALA A 45 -11.89 -10.20 0.83
CA ALA A 45 -13.02 -10.83 0.16
C ALA A 45 -13.47 -10.02 -1.05
N LEU A 46 -14.18 -10.66 -1.96
CA LEU A 46 -14.85 -9.96 -3.03
C LEU A 46 -16.14 -10.72 -3.32
N ASN A 47 -17.27 -10.11 -2.98
N ASN A 47 -17.26 -10.04 -3.13
CA ASN A 47 -18.58 -10.70 -3.20
CA ASN A 47 -18.57 -10.68 -3.14
C ASN A 47 -19.25 -9.99 -4.34
C ASN A 47 -19.48 -10.10 -4.24
N LEU A 48 -19.47 -10.71 -5.43
CA LEU A 48 -20.16 -10.15 -6.60
C LEU A 48 -21.43 -10.92 -7.01
N SER A 49 -22.05 -11.62 -6.07
CA SER A 49 -23.21 -12.48 -6.37
C SER A 49 -24.50 -11.69 -6.66
N GLY A 53 -29.70 -12.24 -1.09
CA GLY A 53 -28.59 -11.89 -0.22
C GLY A 53 -27.50 -11.05 -0.88
N SER A 54 -27.72 -10.70 -2.15
CA SER A 54 -26.75 -9.93 -2.97
C SER A 54 -26.33 -8.60 -2.31
N PRO A 55 -25.04 -8.20 -2.47
CA PRO A 55 -24.53 -7.02 -1.75
C PRO A 55 -25.29 -5.73 -2.02
N ALA A 56 -25.54 -4.98 -0.94
CA ALA A 56 -26.08 -3.65 -1.07
C ALA A 56 -24.97 -2.75 -1.61
N ASN A 57 -25.36 -1.56 -2.03
CA ASN A 57 -24.38 -0.56 -2.43
C ASN A 57 -23.36 -0.36 -1.31
N THR A 58 -22.08 -0.33 -1.68
CA THR A 58 -20.99 -0.30 -0.70
C THR A 58 -20.07 0.84 -1.08
N ALA A 59 -19.72 1.70 -0.12
CA ALA A 59 -18.85 2.83 -0.42
C ALA A 59 -17.62 2.88 0.46
N LEU A 60 -16.54 3.39 -0.13
CA LEU A 60 -15.34 3.77 0.61
C LEU A 60 -15.18 5.28 0.48
N ASN A 61 -14.86 5.95 1.59
CA ASN A 61 -14.86 7.42 1.63
C ASN A 61 -13.60 8.03 2.20
N LEU A 62 -13.20 9.16 1.63
CA LEU A 62 -12.17 10.05 2.17
C LEU A 62 -12.88 11.33 2.57
N LEU A 63 -12.79 11.68 3.86
CA LEU A 63 -13.47 12.87 4.38
C LEU A 63 -12.49 13.90 4.94
N SER A 64 -12.88 15.17 4.85
CA SER A 64 -12.12 16.25 5.47
C SER A 64 -12.52 16.41 6.94
N GLU A 65 -11.79 17.25 7.65
CA GLU A 65 -12.03 17.49 9.07
C GLU A 65 -13.46 17.97 9.36
N ASN A 66 -14.05 18.73 8.43
CA ASN A 66 -15.40 19.24 8.67
C ASN A 66 -16.50 18.29 8.17
N GLY A 67 -16.10 17.10 7.74
CA GLY A 67 -17.07 16.09 7.30
C GLY A 67 -17.47 16.19 5.83
N ALA A 68 -16.78 17.00 5.05
CA ALA A 68 -16.98 16.95 3.59
C ALA A 68 -16.50 15.60 3.07
N TYR A 69 -17.26 15.04 2.12
CA TYR A 69 -16.79 13.88 1.36
C TYR A 69 -15.90 14.39 0.26
N LEU A 70 -14.58 14.26 0.44
CA LEU A 70 -13.65 14.67 -0.61
C LEU A 70 -13.72 13.68 -1.77
N LEU A 71 -13.82 12.40 -1.42
CA LEU A 71 -14.01 11.36 -2.41
C LEU A 71 -14.86 10.27 -1.83
N HIS A 72 -15.97 10.02 -2.52
CA HIS A 72 -16.92 8.95 -2.20
C HIS A 72 -16.87 7.99 -3.37
N ILE A 73 -16.59 6.72 -3.08
CA ILE A 73 -16.50 5.69 -4.11
C ILE A 73 -17.57 4.66 -3.82
N ALA A 74 -18.64 4.67 -4.62
CA ALA A 74 -19.78 3.78 -4.36
C ALA A 74 -19.85 2.65 -5.37
N PHE A 75 -19.67 1.42 -4.88
CA PHE A 75 -19.75 0.23 -5.71
C PHE A 75 -21.19 -0.26 -5.69
N ARG A 76 -21.86 -0.18 -6.84
CA ARG A 76 -23.29 -0.49 -6.93
C ARG A 76 -23.47 -1.70 -7.83
N LEU A 77 -23.58 -2.87 -7.20
CA LEU A 77 -23.58 -4.12 -7.94
CA LEU A 77 -23.58 -4.12 -7.94
C LEU A 77 -24.85 -4.31 -8.79
N GLN A 78 -26.00 -4.01 -8.18
CA GLN A 78 -27.30 -4.21 -8.86
C GLN A 78 -27.45 -3.26 -10.04
N GLU A 79 -27.12 -1.98 -9.81
CA GLU A 79 -27.14 -0.98 -10.86
C GLU A 79 -25.97 -1.17 -11.82
N ASN A 80 -24.95 -1.89 -11.36
CA ASN A 80 -23.76 -2.26 -12.14
C ASN A 80 -22.90 -1.07 -12.54
N VAL A 81 -22.62 -0.23 -11.56
CA VAL A 81 -21.82 0.97 -11.79
CA VAL A 81 -21.85 0.99 -11.78
C VAL A 81 -21.02 1.29 -10.54
N ILE A 82 -19.89 1.96 -10.73
CA ILE A 82 -19.16 2.58 -9.62
C ILE A 82 -19.37 4.08 -9.78
N VAL A 83 -19.81 4.72 -8.71
CA VAL A 83 -20.06 6.16 -8.69
C VAL A 83 -18.97 6.87 -7.87
N PHE A 84 -18.39 7.90 -8.45
CA PHE A 84 -17.40 8.75 -7.77
C PHE A 84 -18.00 10.13 -7.57
N ASN A 85 -17.95 10.63 -6.35
CA ASN A 85 -18.52 11.96 -6.10
C ASN A 85 -17.92 12.61 -4.87
N SER A 86 -18.36 13.84 -4.61
CA SER A 86 -17.96 14.61 -3.42
C SER A 86 -19.19 15.30 -2.87
N ARG A 87 -19.11 15.76 -1.62
CA ARG A 87 -20.24 16.46 -0.99
C ARG A 87 -19.75 17.32 0.16
N GLN A 88 -20.19 18.58 0.19
CA GLN A 88 -19.92 19.44 1.33
C GLN A 88 -20.76 18.99 2.52
N PRO A 89 -20.35 19.36 3.75
CA PRO A 89 -21.13 18.97 4.92
C PRO A 89 -22.58 19.43 4.81
N ASN A 90 -23.52 18.52 5.05
CA ASN A 90 -24.96 18.86 5.13
C ASN A 90 -25.51 19.41 3.80
N ALA A 91 -24.84 19.12 2.69
CA ALA A 91 -25.19 19.71 1.39
C ALA A 91 -25.52 18.65 0.36
N PRO A 92 -26.12 19.05 -0.78
CA PRO A 92 -26.36 18.08 -1.85
C PRO A 92 -25.07 17.48 -2.40
N TRP A 93 -25.17 16.24 -2.88
CA TRP A 93 -24.09 15.63 -3.66
C TRP A 93 -23.73 16.47 -4.87
N LEU A 94 -22.47 16.41 -5.28
CA LEU A 94 -21.99 17.19 -6.44
C LEU A 94 -22.15 16.34 -7.72
N VAL A 95 -21.34 16.61 -8.75
CA VAL A 95 -21.55 15.96 -10.06
C VAL A 95 -20.91 14.57 -10.06
N GLU A 96 -21.74 13.53 -10.26
CA GLU A 96 -21.22 12.16 -10.32
C GLU A 96 -20.33 11.90 -11.54
N GLN A 97 -19.29 11.12 -11.33
CA GLN A 97 -18.56 10.46 -12.42
C GLN A 97 -18.81 8.98 -12.26
N ARG A 98 -19.09 8.30 -13.37
CA ARG A 98 -19.45 6.88 -13.31
C ARG A 98 -18.55 6.01 -14.18
N VAL A 99 -18.32 4.80 -13.68
CA VAL A 99 -17.65 3.74 -14.44
C VAL A 99 -18.60 2.54 -14.45
N SER A 100 -19.00 2.11 -15.65
CA SER A 100 -19.92 0.98 -15.79
CA SER A 100 -19.93 0.99 -15.80
C SER A 100 -19.24 -0.37 -15.62
N ASN A 101 -20.01 -1.36 -15.18
CA ASN A 101 -19.57 -2.76 -15.05
C ASN A 101 -18.59 -3.00 -13.91
N VAL A 102 -19.14 -3.30 -12.75
CA VAL A 102 -18.35 -3.44 -11.53
C VAL A 102 -17.41 -4.64 -11.61
N ALA A 103 -17.96 -5.79 -12.01
CA ALA A 103 -17.16 -7.02 -12.09
C ALA A 103 -15.94 -6.87 -13.00
N ASN A 104 -16.11 -6.16 -14.12
CA ASN A 104 -15.00 -5.97 -15.07
C ASN A 104 -13.81 -5.22 -14.46
N GLN A 105 -14.07 -4.42 -13.43
CA GLN A 105 -12.98 -3.68 -12.78
C GLN A 105 -12.15 -4.58 -11.87
N PHE A 106 -12.68 -5.76 -11.55
CA PHE A 106 -12.02 -6.71 -10.65
C PHE A 106 -11.61 -8.00 -11.37
N ILE A 107 -11.30 -7.90 -12.65
CA ILE A 107 -10.89 -9.09 -13.43
C ILE A 107 -9.54 -9.59 -12.93
N GLY A 108 -9.45 -10.90 -12.68
CA GLY A 108 -8.26 -11.54 -12.13
C GLY A 108 -8.01 -11.22 -10.67
N SER A 109 -9.01 -10.64 -9.99
CA SER A 109 -8.89 -10.26 -8.59
C SER A 109 -8.83 -11.47 -7.65
N GLY A 110 -9.52 -12.53 -8.03
CA GLY A 110 -9.64 -13.70 -7.17
C GLY A 110 -10.50 -13.39 -5.97
N GLY A 111 -10.06 -13.83 -4.79
CA GLY A 111 -10.86 -13.70 -3.57
C GLY A 111 -10.53 -12.51 -2.68
N LYS A 112 -9.84 -11.54 -3.25
CA LYS A 112 -9.44 -10.35 -2.49
C LYS A 112 -9.32 -9.19 -3.47
N ALA A 113 -9.18 -7.98 -2.95
CA ALA A 113 -9.11 -6.81 -3.81
C ALA A 113 -8.42 -5.66 -3.09
N MET A 114 -7.90 -4.72 -3.86
CA MET A 114 -7.40 -3.49 -3.26
C MET A 114 -7.90 -2.29 -4.06
N VAL A 115 -8.18 -1.21 -3.34
CA VAL A 115 -8.61 0.01 -3.97
C VAL A 115 -7.66 1.11 -3.50
N THR A 116 -6.91 1.69 -4.43
CA THR A 116 -5.90 2.68 -4.08
C THR A 116 -6.33 4.04 -4.58
N VAL A 117 -6.16 5.04 -3.72
CA VAL A 117 -6.40 6.44 -4.08
C VAL A 117 -5.09 7.22 -3.95
N PHE A 118 -4.65 7.82 -5.05
CA PHE A 118 -3.53 8.74 -5.01
C PHE A 118 -4.09 10.16 -4.95
N ASP A 119 -3.66 10.93 -3.95
CA ASP A 119 -4.00 12.36 -3.92
C ASP A 119 -2.97 13.10 -4.79
N HIS A 120 -3.40 13.56 -5.96
CA HIS A 120 -2.51 14.29 -6.87
C HIS A 120 -2.78 15.78 -6.89
N GLY A 121 -3.38 16.31 -5.83
CA GLY A 121 -3.55 17.76 -5.71
C GLY A 121 -4.83 18.26 -6.35
N ASP A 122 -4.90 18.16 -7.68
CA ASP A 122 -6.04 18.59 -8.50
CA ASP A 122 -6.13 18.59 -8.35
C ASP A 122 -6.97 17.42 -8.84
N LYS A 123 -6.47 16.20 -8.65
CA LYS A 123 -7.19 14.97 -8.99
C LYS A 123 -6.92 13.91 -7.94
N TYR A 124 -7.89 13.00 -7.79
CA TYR A 124 -7.65 11.71 -7.14
C TYR A 124 -7.58 10.65 -8.23
N GLN A 125 -6.47 9.92 -8.29
CA GLN A 125 -6.36 8.77 -9.21
C GLN A 125 -6.77 7.54 -8.44
N VAL A 126 -7.77 6.82 -8.93
CA VAL A 126 -8.27 5.64 -8.24
C VAL A 126 -7.88 4.42 -9.06
N VAL A 127 -7.23 3.46 -8.40
CA VAL A 127 -6.72 2.27 -9.05
C VAL A 127 -7.31 1.05 -8.32
N ILE A 128 -7.98 0.18 -9.08
CA ILE A 128 -8.52 -1.05 -8.50
C ILE A 128 -7.55 -2.15 -8.90
N ASN A 129 -6.91 -2.75 -7.89
CA ASN A 129 -5.78 -3.64 -8.10
C ASN A 129 -4.70 -2.93 -8.88
N GLU A 130 -4.48 -3.31 -10.15
CA GLU A 130 -3.49 -2.61 -10.97
C GLU A 130 -4.10 -1.66 -12.00
N LYS A 131 -5.42 -1.62 -12.08
CA LYS A 131 -6.09 -0.88 -13.16
CA LYS A 131 -6.12 -0.89 -13.15
C LYS A 131 -6.59 0.48 -12.70
N THR A 132 -6.09 1.54 -13.34
CA THR A 132 -6.64 2.88 -13.11
C THR A 132 -8.07 2.91 -13.65
N VAL A 133 -9.01 3.22 -12.77
CA VAL A 133 -10.42 3.27 -13.18
C VAL A 133 -10.91 4.69 -13.42
N ILE A 134 -10.29 5.67 -12.76
CA ILE A 134 -10.65 7.07 -12.98
C ILE A 134 -9.52 8.00 -12.57
N GLN A 135 -9.32 9.05 -13.37
CA GLN A 135 -8.62 10.24 -12.93
C GLN A 135 -9.69 11.25 -12.57
N TYR A 136 -10.01 11.32 -11.28
CA TYR A 136 -11.15 12.10 -10.82
C TYR A 136 -10.76 13.53 -10.53
N THR A 137 -11.26 14.46 -11.32
CA THR A 137 -11.01 15.87 -11.04
C THR A 137 -11.71 16.25 -9.74
N LYS A 138 -10.95 16.82 -8.82
CA LYS A 138 -11.55 17.15 -7.52
C LYS A 138 -12.68 18.15 -7.64
N GLN A 139 -13.71 17.92 -6.84
CA GLN A 139 -14.80 18.88 -6.72
C GLN A 139 -14.73 19.63 -5.39
N ILE A 140 -13.96 19.07 -4.44
CA ILE A 140 -13.66 19.71 -3.17
C ILE A 140 -12.20 19.39 -2.87
N SER A 141 -11.44 20.40 -2.44
CA SER A 141 -10.02 20.20 -2.17
CA SER A 141 -10.02 20.21 -2.17
C SER A 141 -9.75 20.15 -0.67
N GLY A 142 -8.51 19.83 -0.31
CA GLY A 142 -8.11 19.84 1.09
C GLY A 142 -7.61 18.50 1.57
N THR A 143 -7.21 18.47 2.83
CA THR A 143 -6.63 17.25 3.39
CA THR A 143 -6.62 17.29 3.44
C THR A 143 -7.71 16.28 3.85
N THR A 144 -7.40 15.00 3.66
CA THR A 144 -8.23 13.92 4.17
C THR A 144 -7.85 13.65 5.63
N SER A 145 -8.84 13.76 6.51
CA SER A 145 -8.64 13.56 7.94
C SER A 145 -9.30 12.30 8.49
N SER A 146 -10.20 11.70 7.72
CA SER A 146 -10.84 10.44 8.14
C SER A 146 -11.22 9.60 6.94
N LEU A 147 -11.45 8.32 7.18
CA LEU A 147 -11.91 7.39 6.16
C LEU A 147 -13.15 6.67 6.70
N SER A 148 -14.04 6.24 5.81
CA SER A 148 -15.19 5.45 6.27
C SER A 148 -15.59 4.40 5.24
N TYR A 149 -16.41 3.46 5.69
CA TYR A 149 -16.79 2.30 4.92
C TYR A 149 -18.28 2.09 5.18
N ASN A 150 -19.11 2.29 4.16
CA ASN A 150 -20.56 2.20 4.30
CA ASN A 150 -20.60 2.27 4.27
C ASN A 150 -21.17 1.12 3.43
N SER A 151 -21.95 0.23 4.03
CA SER A 151 -22.62 -0.79 3.22
C SER A 151 -24.16 -0.68 3.28
N THR A 152 -24.65 0.55 3.39
CA THR A 152 -26.11 0.82 3.50
C THR A 152 -26.73 0.05 4.68
N GLY A 154 -26.46 -3.02 5.24
CA GLY A 154 -26.68 -4.32 4.59
C GLY A 154 -25.39 -5.01 4.16
N THR A 155 -25.53 -5.96 3.23
CA THR A 155 -24.43 -6.84 2.78
C THR A 155 -23.39 -6.09 1.94
N SER A 156 -22.11 -6.38 2.19
CA SER A 156 -20.99 -5.66 1.52
C SER A 156 -20.34 -6.45 0.38
N ILE A 157 -19.81 -5.71 -0.60
CA ILE A 157 -19.01 -6.25 -1.69
C ILE A 157 -17.60 -6.67 -1.21
N PHE A 158 -17.20 -6.13 -0.06
CA PHE A 158 -15.88 -6.38 0.50
C PHE A 158 -15.96 -7.19 1.80
N SER A 159 -14.79 -7.51 2.37
CA SER A 159 -14.72 -8.19 3.66
C SER A 159 -15.31 -7.32 4.75
N THR A 160 -15.81 -7.95 5.80
CA THR A 160 -16.42 -7.21 6.93
C THR A 160 -15.46 -6.17 7.51
N VAL A 161 -14.17 -6.53 7.59
CA VAL A 161 -13.14 -5.56 7.96
C VAL A 161 -12.28 -5.31 6.73
N VAL A 162 -12.15 -4.04 6.35
CA VAL A 162 -11.22 -3.62 5.31
C VAL A 162 -10.01 -2.97 6.00
N GLU A 163 -8.81 -3.34 5.58
CA GLU A 163 -7.60 -2.73 6.15
C GLU A 163 -7.17 -1.56 5.29
N ALA A 164 -7.16 -0.36 5.84
CA ALA A 164 -6.66 0.79 5.10
C ALA A 164 -5.23 1.07 5.51
N VAL A 165 -4.37 1.26 4.52
CA VAL A 165 -2.99 1.64 4.78
C VAL A 165 -2.76 3.00 4.14
N THR A 166 -2.26 3.95 4.92
CA THR A 166 -1.90 5.26 4.37
C THR A 166 -0.40 5.39 4.29
N TYR A 167 0.07 6.03 3.22
CA TYR A 167 1.47 6.38 3.05
C TYR A 167 1.50 7.89 2.99
N THR A 168 2.11 8.51 4.00
CA THR A 168 2.05 9.98 4.12
C THR A 168 3.44 10.54 4.32
N GLY A 169 3.55 11.86 4.26
CA GLY A 169 4.86 12.52 4.32
C GLY A 169 5.71 12.16 3.10
N LEU A 170 5.06 11.98 1.95
CA LEU A 170 5.78 11.60 0.74
C LEU A 170 6.41 12.83 0.08
N ALA A 171 5.65 13.93 -0.02
CA ALA A 171 6.19 15.18 -0.59
C ALA A 171 7.07 15.90 0.43
N HIS B 10 0.33 16.72 -18.64
CA HIS B 10 0.88 17.46 -17.45
C HIS B 10 0.47 16.83 -16.14
N MET B 11 -0.58 16.00 -16.15
CA MET B 11 -1.06 15.37 -14.92
C MET B 11 -0.16 14.20 -14.50
N THR B 12 -0.13 13.91 -13.21
CA THR B 12 0.62 12.77 -12.71
C THR B 12 -0.18 11.49 -12.90
N THR B 13 0.46 10.49 -13.50
CA THR B 13 -0.11 9.16 -13.58
C THR B 13 0.79 8.22 -12.79
N SER B 14 0.27 7.73 -11.67
CA SER B 14 1.00 6.79 -10.84
C SER B 14 0.53 5.37 -11.21
N ALA B 15 1.20 4.37 -10.64
CA ALA B 15 0.86 2.99 -10.95
C ALA B 15 0.98 2.13 -9.70
N VAL B 16 0.10 1.14 -9.64
CA VAL B 16 0.15 0.08 -8.63
C VAL B 16 0.44 -1.22 -9.36
N ASN B 17 1.45 -1.94 -8.90
CA ASN B 17 1.74 -3.29 -9.37
C ASN B 17 1.77 -4.26 -8.20
N ILE B 18 1.25 -5.45 -8.43
CA ILE B 18 1.09 -6.46 -7.38
C ILE B 18 1.85 -7.73 -7.80
N TYR B 19 2.68 -8.24 -6.91
CA TYR B 19 3.51 -9.42 -7.19
C TYR B 19 3.35 -10.44 -6.08
N ASN B 20 3.23 -11.70 -6.47
CA ASN B 20 3.28 -12.77 -5.49
C ASN B 20 4.63 -13.44 -5.52
N ILE B 21 5.38 -13.30 -4.43
CA ILE B 21 6.74 -13.81 -4.38
C ILE B 21 6.84 -15.00 -3.42
N SER B 22 7.10 -16.18 -3.97
CA SER B 22 7.30 -17.37 -3.14
C SER B 22 8.67 -17.30 -2.47
N ALA B 23 8.78 -17.96 -1.33
CA ALA B 23 10.07 -18.13 -0.68
C ALA B 23 11.05 -18.77 -1.66
N GLY B 24 12.21 -18.14 -1.83
CA GLY B 24 13.21 -18.64 -2.79
C GLY B 24 12.91 -18.26 -4.24
N ALA B 25 12.20 -17.16 -4.43
CA ALA B 25 11.84 -16.69 -5.77
C ALA B 25 12.11 -15.20 -5.93
N SER B 26 12.08 -14.76 -7.20
CA SER B 26 12.34 -13.37 -7.58
C SER B 26 11.26 -12.92 -8.55
N VAL B 27 11.04 -11.62 -8.60
CA VAL B 27 10.15 -11.03 -9.60
C VAL B 27 10.82 -9.83 -10.24
N ASP B 28 10.69 -9.72 -11.56
CA ASP B 28 11.09 -8.48 -12.26
C ASP B 28 9.94 -7.50 -12.17
N LEU B 29 10.27 -6.24 -11.92
CA LEU B 29 9.24 -5.21 -11.84
C LEU B 29 8.81 -4.70 -13.22
N ALA B 30 7.49 -4.63 -13.43
CA ALA B 30 6.95 -4.06 -14.67
C ALA B 30 7.19 -2.55 -14.71
N ALA B 31 7.20 -1.93 -13.53
CA ALA B 31 7.51 -0.51 -13.38
C ALA B 31 8.63 -0.40 -12.36
N PRO B 32 9.80 0.12 -12.77
CA PRO B 32 10.88 0.16 -11.79
C PRO B 32 10.60 1.11 -10.62
N VAL B 33 11.23 0.82 -9.49
CA VAL B 33 11.12 1.65 -8.29
C VAL B 33 12.31 2.60 -8.26
N THR B 34 12.01 3.89 -8.22
CA THR B 34 13.04 4.92 -8.18
C THR B 34 12.71 5.93 -7.08
N THR B 35 13.45 7.03 -7.03
CA THR B 35 13.29 8.02 -6.00
C THR B 35 11.86 8.53 -5.93
N GLY B 36 11.28 8.47 -4.73
CA GLY B 36 9.90 8.89 -4.52
C GLY B 36 8.91 7.72 -4.47
N ASP B 37 9.37 6.54 -4.86
CA ASP B 37 8.48 5.37 -4.95
C ASP B 37 8.53 4.51 -3.71
N ILE B 38 7.61 3.54 -3.65
CA ILE B 38 7.40 2.71 -2.45
C ILE B 38 7.22 1.25 -2.84
N VAL B 39 7.80 0.36 -2.04
CA VAL B 39 7.43 -1.06 -2.09
C VAL B 39 7.03 -1.54 -0.72
N THR B 40 5.90 -2.23 -0.63
CA THR B 40 5.54 -2.89 0.63
C THR B 40 5.43 -4.39 0.40
N PHE B 41 6.06 -5.15 1.31
CA PHE B 41 5.94 -6.60 1.33
C PHE B 41 4.94 -6.99 2.41
N PHE B 42 3.91 -7.75 2.01
CA PHE B 42 2.86 -8.20 2.94
C PHE B 42 3.02 -9.69 3.20
N SER B 43 3.15 -10.04 4.47
CA SER B 43 3.19 -11.44 4.89
C SER B 43 1.90 -11.80 5.62
N SER B 44 1.35 -12.98 5.31
CA SER B 44 0.14 -13.44 5.97
C SER B 44 0.43 -14.35 7.18
N ALA B 45 1.71 -14.40 7.57
CA ALA B 45 2.18 -15.17 8.71
C ALA B 45 3.33 -14.43 9.41
N LEU B 46 3.55 -14.76 10.68
CA LEU B 46 4.74 -14.27 11.39
C LEU B 46 5.23 -15.38 12.31
N ASN B 47 6.41 -15.90 11.99
N ASN B 47 6.45 -15.87 12.06
CA ASN B 47 7.07 -16.99 12.73
CA ASN B 47 7.06 -16.93 12.87
C ASN B 47 8.59 -16.71 12.86
C ASN B 47 8.56 -16.74 12.90
N LEU B 48 9.12 -16.05 13.90
CA LEU B 48 8.48 -15.66 15.18
C LEU B 48 7.93 -16.81 16.03
N PRO B 55 13.14 -20.86 13.20
CA PRO B 55 13.04 -20.38 11.82
C PRO B 55 14.38 -19.85 11.32
N ALA B 56 14.73 -20.19 10.08
CA ALA B 56 16.01 -19.80 9.52
C ALA B 56 16.03 -18.33 9.10
N ASN B 57 17.23 -17.82 8.86
CA ASN B 57 17.40 -16.45 8.37
C ASN B 57 16.59 -16.22 7.09
N THR B 58 15.92 -15.08 7.02
CA THR B 58 15.00 -14.77 5.93
C THR B 58 15.32 -13.38 5.42
N ALA B 59 15.36 -13.21 4.11
CA ALA B 59 15.67 -11.89 3.54
C ALA B 59 14.67 -11.43 2.50
N LEU B 60 14.46 -10.11 2.48
CA LEU B 60 13.75 -9.42 1.42
C LEU B 60 14.74 -8.48 0.72
N ASN B 61 14.73 -8.48 -0.61
CA ASN B 61 15.76 -7.78 -1.40
C ASN B 61 15.18 -6.88 -2.48
N LEU B 62 15.83 -5.74 -2.68
CA LEU B 62 15.62 -4.85 -3.83
C LEU B 62 16.90 -4.92 -4.64
N LEU B 63 16.79 -5.26 -5.92
CA LEU B 63 17.97 -5.41 -6.79
C LEU B 63 17.88 -4.50 -7.99
N SER B 64 19.04 -4.08 -8.47
CA SER B 64 19.10 -3.31 -9.71
C SER B 64 19.19 -4.23 -10.93
N GLU B 65 19.13 -3.64 -12.14
CA GLU B 65 19.13 -4.40 -13.38
C GLU B 65 20.37 -5.30 -13.49
N ASN B 66 21.51 -4.82 -12.99
CA ASN B 66 22.75 -5.60 -13.10
C ASN B 66 22.97 -6.62 -11.98
N GLY B 67 21.97 -6.77 -11.11
CA GLY B 67 22.05 -7.76 -10.05
C GLY B 67 22.69 -7.27 -8.76
N ALA B 68 22.94 -5.97 -8.64
CA ALA B 68 23.37 -5.42 -7.35
C ALA B 68 22.21 -5.53 -6.36
N TYR B 69 22.55 -5.86 -5.11
CA TYR B 69 21.59 -5.74 -4.01
C TYR B 69 21.61 -4.29 -3.54
N LEU B 70 20.61 -3.51 -3.95
CA LEU B 70 20.50 -2.13 -3.50
C LEU B 70 20.14 -2.11 -2.01
N LEU B 71 19.23 -3.01 -1.61
CA LEU B 71 18.89 -3.18 -0.21
C LEU B 71 18.58 -4.64 0.05
N HIS B 72 19.31 -5.20 1.01
CA HIS B 72 19.12 -6.57 1.50
C HIS B 72 18.69 -6.42 2.94
N ILE B 73 17.52 -6.98 3.28
CA ILE B 73 17.00 -6.92 4.65
C ILE B 73 16.96 -8.33 5.16
N ALA B 74 17.88 -8.66 6.08
CA ALA B 74 17.97 -10.03 6.59
C ALA B 74 17.45 -10.11 8.02
N PHE B 75 16.38 -10.88 8.22
CA PHE B 75 15.82 -11.11 9.54
C PHE B 75 16.45 -12.37 10.11
N ARG B 76 17.18 -12.23 11.20
CA ARG B 76 17.93 -13.34 11.80
C ARG B 76 17.44 -13.59 13.20
N LEU B 77 16.54 -14.55 13.34
CA LEU B 77 15.89 -14.81 14.62
C LEU B 77 16.83 -15.34 15.71
N GLN B 78 17.68 -16.30 15.34
CA GLN B 78 18.62 -16.91 16.29
CA GLN B 78 18.61 -16.91 16.30
C GLN B 78 19.66 -15.90 16.78
N GLU B 79 20.22 -15.14 15.84
CA GLU B 79 21.17 -14.09 16.18
C GLU B 79 20.46 -12.86 16.79
N ASN B 80 19.15 -12.80 16.56
CA ASN B 80 18.26 -11.75 17.11
C ASN B 80 18.62 -10.35 16.62
N VAL B 81 18.79 -10.26 15.30
CA VAL B 81 19.13 -9.00 14.66
CA VAL B 81 19.17 -9.00 14.64
C VAL B 81 18.49 -8.92 13.26
N ILE B 82 18.22 -7.70 12.81
CA ILE B 82 17.88 -7.47 11.41
C ILE B 82 19.10 -6.79 10.81
N VAL B 83 19.65 -7.36 9.74
CA VAL B 83 20.82 -6.82 9.05
C VAL B 83 20.39 -6.15 7.74
N PHE B 84 20.88 -4.92 7.54
CA PHE B 84 20.65 -4.16 6.31
C PHE B 84 21.96 -3.97 5.60
N ASN B 85 22.01 -4.30 4.31
CA ASN B 85 23.25 -4.16 3.56
C ASN B 85 22.99 -4.03 2.07
N SER B 86 24.07 -3.83 1.31
CA SER B 86 24.06 -3.74 -0.15
C SER B 86 25.25 -4.52 -0.69
N ARG B 87 25.23 -4.89 -1.96
CA ARG B 87 26.33 -5.65 -2.58
C ARG B 87 26.32 -5.41 -4.07
N GLN B 88 27.48 -5.11 -4.65
CA GLN B 88 27.61 -5.07 -6.10
C GLN B 88 27.52 -6.50 -6.69
N PRO B 89 27.18 -6.63 -7.99
CA PRO B 89 27.16 -7.98 -8.55
C PRO B 89 28.52 -8.65 -8.43
N ASN B 90 28.51 -9.90 -7.98
CA ASN B 90 29.72 -10.72 -7.94
C ASN B 90 30.78 -10.13 -7.02
N ALA B 91 30.36 -9.36 -6.01
CA ALA B 91 31.31 -8.64 -5.16
C ALA B 91 30.99 -8.87 -3.68
N PRO B 92 31.93 -8.54 -2.77
CA PRO B 92 31.65 -8.69 -1.36
C PRO B 92 30.52 -7.80 -0.84
N TRP B 93 29.83 -8.26 0.20
CA TRP B 93 28.90 -7.42 0.94
C TRP B 93 29.57 -6.16 1.44
N LEU B 94 28.78 -5.08 1.54
CA LEU B 94 29.28 -3.79 2.01
C LEU B 94 29.13 -3.67 3.53
N VAL B 95 29.00 -2.46 4.05
CA VAL B 95 28.99 -2.28 5.51
C VAL B 95 27.60 -2.53 6.08
N GLU B 96 27.48 -3.48 7.00
CA GLU B 96 26.18 -3.77 7.61
C GLU B 96 25.69 -2.67 8.55
N GLN B 97 24.38 -2.43 8.52
CA GLN B 97 23.70 -1.70 9.58
C GLN B 97 22.79 -2.70 10.25
N ARG B 98 22.77 -2.69 11.57
CA ARG B 98 21.99 -3.67 12.33
C ARG B 98 20.98 -3.03 13.25
N VAL B 99 19.84 -3.69 13.38
CA VAL B 99 18.85 -3.35 14.38
C VAL B 99 18.65 -4.58 15.27
N SER B 100 18.86 -4.42 16.57
CA SER B 100 18.72 -5.53 17.52
C SER B 100 17.26 -5.84 17.88
N ASN B 101 17.03 -7.09 18.26
CA ASN B 101 15.74 -7.61 18.73
C ASN B 101 14.63 -7.62 17.67
N VAL B 102 14.57 -8.72 16.97
CA VAL B 102 13.65 -8.90 15.84
C VAL B 102 12.18 -8.81 16.29
N ALA B 103 11.83 -9.56 17.32
CA ALA B 103 10.44 -9.60 17.81
C ALA B 103 9.92 -8.22 18.17
N ASN B 104 10.79 -7.39 18.77
CA ASN B 104 10.41 -6.05 19.21
C ASN B 104 10.02 -5.12 18.08
N GLN B 105 10.45 -5.45 16.85
CA GLN B 105 10.10 -4.63 15.69
C GLN B 105 8.70 -4.95 15.16
N PHE B 106 8.15 -6.06 15.63
CA PHE B 106 6.82 -6.55 15.24
C PHE B 106 5.82 -6.55 16.41
N ILE B 107 6.00 -5.66 17.38
CA ILE B 107 5.10 -5.62 18.55
C ILE B 107 3.68 -5.33 18.09
N GLY B 108 2.73 -6.13 18.57
CA GLY B 108 1.32 -6.02 18.23
C GLY B 108 1.01 -6.40 16.78
N SER B 109 1.93 -7.12 16.14
CA SER B 109 1.79 -7.51 14.74
C SER B 109 0.73 -8.59 14.57
N GLY B 110 0.55 -9.42 15.59
CA GLY B 110 -0.35 -10.55 15.48
C GLY B 110 0.18 -11.60 14.53
N GLY B 111 -0.67 -12.07 13.62
CA GLY B 111 -0.33 -13.18 12.75
C GLY B 111 0.04 -12.79 11.34
N LYS B 112 0.37 -11.51 11.14
CA LYS B 112 0.72 -11.00 9.82
C LYS B 112 1.68 -9.84 10.01
N ALA B 113 2.31 -9.38 8.93
CA ALA B 113 3.24 -8.25 9.02
C ALA B 113 3.38 -7.57 7.68
N MET B 114 3.84 -6.32 7.72
CA MET B 114 4.19 -5.64 6.48
C MET B 114 5.55 -4.97 6.64
N VAL B 115 6.31 -4.96 5.55
CA VAL B 115 7.62 -4.32 5.52
C VAL B 115 7.62 -3.35 4.35
N THR B 116 7.74 -2.05 4.64
CA THR B 116 7.67 -1.00 3.61
C THR B 116 9.04 -0.40 3.43
N VAL B 117 9.43 -0.22 2.16
CA VAL B 117 10.67 0.49 1.83
C VAL B 117 10.29 1.72 1.01
N PHE B 118 10.64 2.90 1.52
CA PHE B 118 10.54 4.15 0.75
C PHE B 118 11.90 4.43 0.12
N ASP B 119 11.92 4.61 -1.21
CA ASP B 119 13.13 5.08 -1.86
C ASP B 119 13.16 6.60 -1.78
N HIS B 120 14.02 7.12 -0.92
CA HIS B 120 14.14 8.57 -0.74
C HIS B 120 15.34 9.16 -1.45
N GLY B 121 15.89 8.44 -2.42
CA GLY B 121 16.99 8.99 -3.23
C GLY B 121 18.34 8.70 -2.63
N ASP B 122 18.62 9.29 -1.46
CA ASP B 122 19.89 9.10 -0.75
C ASP B 122 19.79 8.02 0.34
N LYS B 123 18.55 7.68 0.71
CA LYS B 123 18.28 6.73 1.78
C LYS B 123 17.11 5.84 1.41
N TYR B 124 17.11 4.63 1.96
CA TYR B 124 15.89 3.82 2.02
C TYR B 124 15.35 3.89 3.44
N GLN B 125 14.11 4.35 3.59
CA GLN B 125 13.45 4.30 4.90
C GLN B 125 12.66 3.01 4.99
N VAL B 126 12.97 2.21 6.00
CA VAL B 126 12.32 0.92 6.16
C VAL B 126 11.39 0.98 7.36
N VAL B 127 10.13 0.63 7.13
CA VAL B 127 9.09 0.69 8.15
C VAL B 127 8.47 -0.70 8.29
N ILE B 128 8.49 -1.23 9.53
CA ILE B 128 7.87 -2.52 9.80
C ILE B 128 6.54 -2.20 10.47
N ASN B 129 5.45 -2.59 9.79
CA ASN B 129 4.10 -2.14 10.16
C ASN B 129 4.04 -0.61 10.19
N GLU B 130 3.93 0.01 11.36
CA GLU B 130 3.95 1.48 11.45
C GLU B 130 5.27 2.04 11.96
N LYS B 131 6.22 1.16 12.30
CA LYS B 131 7.45 1.61 13.00
C LYS B 131 8.63 1.75 12.03
N THR B 132 9.18 2.96 11.92
CA THR B 132 10.44 3.11 11.19
C THR B 132 11.54 2.40 11.95
N VAL B 133 12.19 1.44 11.29
CA VAL B 133 13.28 0.68 11.92
C VAL B 133 14.66 1.17 11.52
N ILE B 134 14.77 1.77 10.33
CA ILE B 134 16.05 2.35 9.91
C ILE B 134 15.84 3.40 8.83
N GLN B 135 16.66 4.44 8.89
CA GLN B 135 16.90 5.32 7.76
C GLN B 135 18.25 4.90 7.21
N TYR B 136 18.21 4.04 6.19
CA TYR B 136 19.41 3.41 5.67
C TYR B 136 20.06 4.28 4.63
N THR B 137 21.26 4.76 4.94
CA THR B 137 22.03 5.53 3.97
C THR B 137 22.48 4.60 2.83
N LYS B 138 22.11 4.92 1.61
CA LYS B 138 22.40 4.01 0.50
C LYS B 138 23.90 3.84 0.32
N GLN B 139 24.30 2.60 0.02
CA GLN B 139 25.69 2.28 -0.33
C GLN B 139 25.85 2.05 -1.83
N ILE B 140 24.72 1.77 -2.50
CA ILE B 140 24.65 1.68 -3.96
C ILE B 140 23.39 2.42 -4.40
N SER B 141 23.51 3.29 -5.40
CA SER B 141 22.37 4.03 -5.89
C SER B 141 21.79 3.37 -7.13
N GLY B 142 20.63 3.86 -7.54
CA GLY B 142 20.04 3.41 -8.80
C GLY B 142 18.63 2.89 -8.65
N THR B 143 18.05 2.51 -9.76
CA THR B 143 16.67 2.04 -9.77
CA THR B 143 16.68 2.04 -9.84
C THR B 143 16.57 0.57 -9.40
N THR B 144 15.51 0.24 -8.68
CA THR B 144 15.20 -1.14 -8.34
C THR B 144 14.41 -1.74 -9.50
N SER B 145 14.95 -2.81 -10.08
CA SER B 145 14.26 -3.46 -11.21
C SER B 145 13.73 -4.85 -10.87
N SER B 146 14.08 -5.39 -9.70
CA SER B 146 13.56 -6.70 -9.27
C SER B 146 13.53 -6.79 -7.76
N LEU B 147 12.72 -7.72 -7.26
CA LEU B 147 12.61 -8.01 -5.83
C LEU B 147 12.83 -9.49 -5.64
N SER B 148 13.33 -9.87 -4.47
CA SER B 148 13.43 -11.29 -4.16
C SER B 148 13.24 -11.58 -2.70
N TYR B 149 12.98 -12.86 -2.41
CA TYR B 149 12.61 -13.31 -1.09
C TYR B 149 13.37 -14.61 -0.87
N ASN B 150 14.29 -14.58 0.10
CA ASN B 150 15.14 -15.73 0.38
C ASN B 150 14.88 -16.30 1.75
N SER B 151 14.76 -17.63 1.83
CA SER B 151 14.78 -18.34 3.11
C SER B 151 15.35 -19.72 2.88
N THR B 152 15.61 -20.45 3.96
CA THR B 152 15.83 -21.90 3.92
C THR B 152 14.50 -22.62 3.77
N THR B 155 11.02 -22.73 6.70
CA THR B 155 11.43 -22.15 7.98
C THR B 155 11.58 -20.64 7.86
N SER B 156 10.75 -20.03 7.02
CA SER B 156 10.75 -18.57 6.88
C SER B 156 10.04 -17.90 8.05
N ILE B 157 10.46 -16.68 8.40
CA ILE B 157 9.71 -15.86 9.35
C ILE B 157 8.38 -15.35 8.79
N PHE B 158 8.28 -15.34 7.47
CA PHE B 158 7.07 -14.89 6.78
C PHE B 158 6.31 -16.04 6.13
N SER B 159 5.13 -15.72 5.60
CA SER B 159 4.31 -16.68 4.84
C SER B 159 5.08 -17.20 3.62
N THR B 160 4.73 -18.39 3.15
CA THR B 160 5.42 -18.99 2.01
C THR B 160 5.34 -18.07 0.78
N VAL B 161 4.20 -17.41 0.59
CA VAL B 161 4.09 -16.38 -0.46
C VAL B 161 3.95 -15.03 0.22
N VAL B 162 4.82 -14.09 -0.17
CA VAL B 162 4.72 -12.70 0.27
C VAL B 162 4.18 -11.89 -0.90
N GLU B 163 3.21 -11.02 -0.63
CA GLU B 163 2.66 -10.15 -1.69
C GLU B 163 3.41 -8.83 -1.67
N ALA B 164 4.06 -8.47 -2.77
CA ALA B 164 4.72 -7.17 -2.85
C ALA B 164 3.84 -6.24 -3.66
N VAL B 165 3.66 -5.03 -3.15
CA VAL B 165 2.93 -4.02 -3.87
C VAL B 165 3.88 -2.85 -4.09
N THR B 166 3.99 -2.40 -5.33
CA THR B 166 4.78 -1.20 -5.61
C THR B 166 3.88 -0.04 -5.99
N TYR B 167 4.27 1.14 -5.54
CA TYR B 167 3.62 2.38 -5.93
C TYR B 167 4.68 3.20 -6.63
N THR B 168 4.49 3.42 -7.92
CA THR B 168 5.49 4.05 -8.76
C THR B 168 4.90 5.22 -9.55
N GLY B 169 5.78 5.97 -10.20
CA GLY B 169 5.36 7.19 -10.91
C GLY B 169 4.81 8.22 -9.93
N LEU B 170 5.40 8.26 -8.73
CA LEU B 170 4.98 9.21 -7.71
C LEU B 170 5.63 10.59 -7.89
N ALA B 171 6.95 10.63 -8.08
CA ALA B 171 7.66 11.92 -8.25
C ALA B 171 7.51 12.46 -9.66
C1 NAG C . -29.79 10.62 -8.38
C2 NAG C . -28.51 9.85 -8.77
C3 NAG C . -28.13 8.89 -7.64
C4 NAG C . -28.03 9.67 -6.32
C5 NAG C . -29.25 10.59 -6.12
C6 NAG C . -29.13 11.46 -4.88
C7 NAG C . -28.27 9.69 -11.19
C8 NAG C . -28.47 8.86 -12.43
N2 NAG C . -28.65 9.13 -10.03
O1 NAG C . -30.20 11.47 -9.42
O3 NAG C . -26.90 8.21 -7.90
O4 NAG C . -27.83 8.68 -5.26
O5 NAG C . -29.43 11.42 -7.26
O6 NAG C . -27.94 12.21 -4.84
O7 NAG C . -27.78 10.81 -11.27
C1 GAL C . -26.89 9.01 -4.29
C2 GAL C . -26.89 7.96 -3.19
C3 GAL C . -25.79 8.32 -2.18
C4 GAL C . -24.44 8.54 -2.89
C5 GAL C . -24.62 9.54 -4.05
C6 GAL C . -23.34 9.79 -4.82
O2 GAL C . -28.16 8.03 -2.54
O3 GAL C . -25.73 7.28 -1.19
O4 GAL C . -23.92 7.32 -3.36
O5 GAL C . -25.63 9.08 -4.93
O6 GAL C . -23.62 10.72 -5.86
C1 FUC C . -28.66 6.74 -2.12
C2 FUC C . -30.00 6.99 -1.43
C3 FUC C . -31.05 7.37 -2.48
C4 FUC C . -31.12 6.27 -3.53
C5 FUC C . -29.75 6.14 -4.19
C6 FUC C . -29.72 5.07 -5.28
O2 FUC C . -29.88 8.02 -0.46
O3 FUC C . -32.32 7.51 -1.88
O4 FUC C . -31.48 5.05 -2.92
O5 FUC C . -28.77 5.82 -3.19
O5 A2G C . -25.25 8.74 0.61
C1 A2G C . -24.85 7.54 -0.05
C2 A2G C . -24.96 6.33 0.90
N2 A2G C . -24.66 5.12 0.17
C3 A2G C . -26.36 6.27 1.50
O3 A2G C . -26.39 5.22 2.47
C4 A2G C . -26.74 7.60 2.15
O4 A2G C . -25.87 7.82 3.25
C5 A2G C . -26.59 8.73 1.13
C6 A2G C . -26.89 10.10 1.71
O6 A2G C . -27.09 11.03 0.63
C7 A2G C . -23.51 4.47 0.32
O7 A2G C . -22.58 4.93 0.98
C8 A2G C . -23.38 3.15 -0.37
C1 NAG D . 30.36 -11.64 8.84
C2 NAG D . 29.08 -10.87 9.24
C3 NAG D . 27.88 -11.66 8.74
C4 NAG D . 28.03 -11.88 7.24
C5 NAG D . 29.41 -12.46 6.89
C6 NAG D . 29.65 -12.58 5.39
C7 NAG D . 29.43 -9.54 11.24
C8 NAG D . 29.27 -9.44 12.72
N2 NAG D . 28.98 -10.64 10.66
O1 NAG D . 31.52 -11.00 9.29
O3 NAG D . 26.67 -10.97 9.00
O4 NAG D . 26.97 -12.76 6.83
O5 NAG D . 30.42 -11.63 7.43
O6 NAG D . 29.46 -11.36 4.70
O7 NAG D . 29.96 -8.62 10.61
C1 GAL D . 26.38 -12.40 5.61
C2 GAL D . 25.37 -13.47 5.22
C3 GAL D . 24.62 -13.03 3.95
C4 GAL D . 24.07 -11.61 4.08
C5 GAL D . 25.19 -10.67 4.56
C6 GAL D . 24.72 -9.24 4.78
O2 GAL D . 26.11 -14.66 5.02
O3 GAL D . 23.57 -13.96 3.69
O4 GAL D . 22.96 -11.58 4.99
O5 GAL D . 25.75 -11.15 5.77
O6 GAL D . 25.82 -8.45 5.22
C1 FUC D . 25.41 -15.86 5.41
C2 FUC D . 26.31 -17.05 5.08
C3 FUC D . 27.50 -17.09 6.04
C4 FUC D . 27.01 -17.08 7.48
C5 FUC D . 26.10 -15.87 7.72
C6 FUC D . 25.48 -15.84 9.12
O2 FUC D . 26.73 -16.96 3.75
O3 FUC D . 28.27 -18.24 5.82
O4 FUC D . 26.31 -18.27 7.74
O5 FUC D . 25.03 -15.90 6.78
O5 A2G D . 23.90 -13.84 1.33
C1 A2G D . 22.95 -13.80 2.39
C2 A2G D . 21.92 -14.93 2.28
N2 A2G D . 21.02 -14.93 3.42
C3 A2G D . 22.62 -16.29 2.15
O3 A2G D . 21.65 -17.31 1.89
C4 A2G D . 23.64 -16.23 1.01
O4 A2G D . 22.94 -16.02 -0.21
C5 A2G D . 24.62 -15.07 1.24
C6 A2G D . 25.64 -14.95 0.11
O6 A2G D . 26.70 -14.05 0.50
C7 A2G D . 19.72 -14.68 3.32
O7 A2G D . 19.20 -14.37 2.26
C8 A2G D . 18.93 -14.80 4.60
C1 PEG E . -1.67 -10.91 1.44
O1 PEG E . -0.35 -11.21 1.92
C2 PEG E . -1.81 -9.44 0.99
O2 PEG E . -2.62 -8.72 1.92
C3 PEG E . -2.51 -7.30 1.85
C4 PEG E . -2.94 -6.70 3.18
O4 PEG E . -4.21 -7.25 3.59
#